data_8A2P
#
_entry.id   8A2P
#
_cell.length_a   40.437
_cell.length_b   181.839
_cell.length_c   144.638
_cell.angle_alpha   90.000
_cell.angle_beta   90.000
_cell.angle_gamma   90.000
#
_symmetry.space_group_name_H-M   'C 2 2 21'
#
loop_
_entity.id
_entity.type
_entity.pdbx_description
1 polymer 'Adenosine receptor A2a,Soluble cytochrome b562'
2 non-polymer 4-(3,3-dimethylbutanoylamino)-3,5-bis(fluoranyl)-~{N}-(1,3-thiazol-2-yl)benzamide
3 non-polymer CHOLESTEROL
4 non-polymer 'OLEIC ACID'
5 non-polymer 'SODIUM ION'
6 water water
#
_entity_poly.entity_id   1
_entity_poly.type   'polypeptide(L)'
_entity_poly.pdbx_seq_one_letter_code
;APPIMGSSVYITVELAIAVLAILGNVLVCWAVWLNSNLQNVTNYFVVSLAAADILVGVLAIPFAITISTGFCAACHGCLF
IACFVLVLAQSSIFSLLAIAIDRYIAIAIPLRYNGLVTGTRAAGIIAICWVLSFAIGLTPMLGWNNCGQPKEGKAHSQGC
GEGQVACLFEDVVPMNYMVYFNFFACVLVPLLLMLGVYLRIFAAARRQLADLEDNWETLNDNLKVIEKADNAAQVKDALT
KMRAAALDAQKATPPKLEDKSPDSPEMKDFRHGFDILVGQIDDALKLANEGKVKEAQAAAEQLKTTRNAYIQKYLERARS
TLQKEVHAAKSAAIIAGLFALCWLPLHIINCFTFFCPDCSHAPLWLMYLAIVLAHTNSVVNPFIYAYRIREFRQTFRKII
RSHVLRQQEPFKAHHHHHHHHHH
;
_entity_poly.pdbx_strand_id   A
#
loop_
_chem_comp.id
_chem_comp.type
_chem_comp.name
_chem_comp.formula
9Y2 non-polymer 4-(3,3-dimethylbutanoylamino)-3,5-bis(fluoranyl)-~{N}-(1,3-thiazol-2-yl)benzamide 'C16 H17 F2 N3 O2 S'
CLR non-polymer CHOLESTEROL 'C27 H46 O'
NA non-polymer 'SODIUM ION' 'Na 1'
OLA non-polymer 'OLEIC ACID' 'C18 H34 O2'
#
# COMPACT_ATOMS: atom_id res chain seq x y z
N ALA A 1 -42.95 -10.02 8.93
CA ALA A 1 -42.72 -8.55 8.89
C ALA A 1 -42.60 -8.09 7.45
N PRO A 2 -43.03 -6.85 7.16
CA PRO A 2 -42.85 -6.31 5.83
C PRO A 2 -41.37 -6.27 5.42
N PRO A 3 -41.08 -6.52 4.14
CA PRO A 3 -39.69 -6.49 3.70
C PRO A 3 -39.08 -5.09 3.70
N ILE A 4 -39.90 -4.06 3.53
CA ILE A 4 -39.41 -2.69 3.45
C ILE A 4 -38.88 -2.16 4.78
N MET A 5 -39.37 -2.69 5.90
CA MET A 5 -38.88 -2.26 7.21
C MET A 5 -37.42 -2.64 7.42
N GLY A 6 -37.11 -3.93 7.21
CA GLY A 6 -35.71 -4.37 7.25
C GLY A 6 -34.84 -3.68 6.20
N SER A 7 -35.44 -3.35 5.06
N SER A 7 -35.44 -3.35 5.06
CA SER A 7 -34.73 -2.65 4.00
CA SER A 7 -34.73 -2.65 4.00
C SER A 7 -34.49 -1.18 4.32
C SER A 7 -34.47 -1.19 4.34
N SER A 8 -35.28 -0.61 5.23
CA SER A 8 -35.10 0.80 5.60
C SER A 8 -33.79 1.01 6.37
N VAL A 9 -33.43 0.04 7.20
CA VAL A 9 -32.16 0.12 7.92
C VAL A 9 -30.99 0.03 6.94
N TYR A 10 -31.11 -0.86 5.95
CA TYR A 10 -30.03 -1.07 5.00
C TYR A 10 -29.79 0.16 4.13
N ILE A 11 -30.86 0.76 3.62
CA ILE A 11 -30.72 1.91 2.73
C ILE A 11 -30.16 3.12 3.49
N THR A 12 -30.61 3.31 4.72
CA THR A 12 -30.11 4.41 5.54
C THR A 12 -28.62 4.27 5.82
N VAL A 13 -28.20 3.08 6.22
CA VAL A 13 -26.78 2.82 6.46
C VAL A 13 -25.99 2.98 5.16
N GLU A 14 -26.54 2.49 4.06
CA GLU A 14 -25.85 2.59 2.77
C GLU A 14 -25.64 4.05 2.37
N LEU A 15 -26.62 4.90 2.60
CA LEU A 15 -26.47 6.31 2.29
C LEU A 15 -25.50 6.99 3.24
N ALA A 16 -25.55 6.64 4.53
CA ALA A 16 -24.63 7.21 5.51
C ALA A 16 -23.17 6.91 5.13
N ILE A 17 -22.94 5.70 4.64
CA ILE A 17 -21.59 5.32 4.18
C ILE A 17 -21.22 6.14 2.94
N ALA A 18 -22.19 6.38 2.06
CA ALA A 18 -21.91 7.14 0.84
C ALA A 18 -21.51 8.58 1.14
N VAL A 19 -22.13 9.18 2.15
CA VAL A 19 -21.81 10.56 2.52
C VAL A 19 -20.37 10.65 3.03
N LEU A 20 -20.00 9.74 3.92
CA LEU A 20 -18.63 9.74 4.45
C LEU A 20 -17.62 9.35 3.38
N ALA A 21 -18.04 8.57 2.39
CA ALA A 21 -17.13 8.17 1.31
C ALA A 21 -16.80 9.36 0.41
N ILE A 22 -17.79 10.19 0.11
CA ILE A 22 -17.57 11.32 -0.78
C ILE A 22 -16.80 12.43 -0.06
N LEU A 23 -17.24 12.78 1.14
CA LEU A 23 -16.59 13.86 1.88
C LEU A 23 -15.14 13.55 2.20
N GLY A 24 -14.90 12.38 2.77
CA GLY A 24 -13.55 12.04 3.22
C GLY A 24 -12.53 12.03 2.09
N ASN A 25 -12.89 11.38 0.98
CA ASN A 25 -11.96 11.22 -0.13
C ASN A 25 -11.82 12.47 -0.99
N VAL A 26 -12.84 13.34 -1.00
CA VAL A 26 -12.70 14.64 -1.63
C VAL A 26 -11.70 15.50 -0.83
N LEU A 27 -11.74 15.38 0.49
CA LEU A 27 -10.79 16.08 1.35
C LEU A 27 -9.35 15.65 1.07
N VAL A 28 -9.16 14.38 0.68
CA VAL A 28 -7.83 13.89 0.36
C VAL A 28 -7.31 14.52 -0.94
N CYS A 29 -8.16 14.54 -1.96
CA CYS A 29 -7.75 15.07 -3.25
C CYS A 29 -7.51 16.58 -3.20
N TRP A 30 -8.27 17.28 -2.36
CA TRP A 30 -8.07 18.72 -2.20
C TRP A 30 -6.76 19.03 -1.46
N ALA A 31 -6.35 18.13 -0.58
CA ALA A 31 -5.08 18.32 0.14
C ALA A 31 -3.88 18.09 -0.78
N VAL A 32 -3.98 17.11 -1.67
CA VAL A 32 -2.93 16.85 -2.64
C VAL A 32 -2.83 18.00 -3.65
N TRP A 33 -3.97 18.62 -3.96
CA TRP A 33 -3.98 19.72 -4.92
C TRP A 33 -3.29 20.96 -4.36
N LEU A 34 -3.48 21.23 -3.08
CA LEU A 34 -2.90 22.43 -2.48
C LEU A 34 -1.43 22.24 -2.14
N ASN A 35 -1.15 21.25 -1.30
CA ASN A 35 0.20 21.08 -0.77
C ASN A 35 1.18 20.70 -1.86
N SER A 36 2.32 21.37 -1.89
CA SER A 36 3.39 21.03 -2.83
C SER A 36 4.15 19.78 -2.40
N ASN A 37 4.26 19.55 -1.09
CA ASN A 37 4.97 18.38 -0.60
C ASN A 37 4.22 17.09 -0.88
N LEU A 38 2.89 17.13 -0.79
CA LEU A 38 2.03 15.99 -1.06
C LEU A 38 1.91 15.65 -2.54
N GLN A 39 2.67 16.32 -3.41
CA GLN A 39 2.64 16.07 -4.85
C GLN A 39 3.87 15.25 -5.23
N ASN A 40 3.71 13.93 -5.22
CA ASN A 40 4.77 13.02 -5.63
C ASN A 40 4.12 11.72 -6.11
N VAL A 41 4.97 10.81 -6.61
CA VAL A 41 4.48 9.62 -7.30
C VAL A 41 3.63 8.73 -6.38
N THR A 42 4.04 8.61 -5.13
CA THR A 42 3.31 7.76 -4.19
C THR A 42 1.89 8.30 -3.96
N ASN A 43 1.75 9.61 -3.85
CA ASN A 43 0.43 10.19 -3.59
C ASN A 43 -0.48 10.16 -4.81
N TYR A 44 0.09 10.04 -6.01
CA TYR A 44 -0.75 9.97 -7.22
C TYR A 44 -1.55 8.67 -7.25
N PHE A 45 -0.95 7.58 -6.77
CA PHE A 45 -1.70 6.35 -6.58
C PHE A 45 -2.68 6.46 -5.42
N VAL A 46 -2.37 7.32 -4.45
CA VAL A 46 -3.31 7.58 -3.36
C VAL A 46 -4.55 8.31 -3.87
N VAL A 47 -4.35 9.24 -4.81
CA VAL A 47 -5.48 9.96 -5.40
C VAL A 47 -6.26 9.03 -6.34
N SER A 48 -5.55 8.19 -7.09
CA SER A 48 -6.21 7.17 -7.89
C SER A 48 -7.01 6.21 -7.01
N LEU A 49 -6.56 6.00 -5.78
CA LEU A 49 -7.33 5.22 -4.81
C LEU A 49 -8.58 5.97 -4.38
N ALA A 50 -8.41 7.19 -3.88
CA ALA A 50 -9.55 8.00 -3.44
C ALA A 50 -10.50 8.32 -4.59
N ALA A 51 -10.00 8.26 -5.83
CA ALA A 51 -10.87 8.45 -7.00
C ALA A 51 -11.93 7.37 -7.08
N ALA A 52 -11.52 6.11 -6.91
CA ALA A 52 -12.46 5.00 -6.90
C ALA A 52 -13.38 5.02 -5.68
N ASP A 53 -12.88 5.51 -4.56
CA ASP A 53 -13.67 5.57 -3.33
C ASP A 53 -14.81 6.58 -3.43
N ILE A 54 -14.57 7.69 -4.11
CA ILE A 54 -15.65 8.65 -4.37
C ILE A 54 -16.71 8.02 -5.29
N LEU A 55 -16.26 7.34 -6.34
CA LEU A 55 -17.16 6.71 -7.29
C LEU A 55 -17.99 5.58 -6.67
N VAL A 56 -17.59 5.09 -5.50
CA VAL A 56 -18.40 4.10 -4.79
C VAL A 56 -19.66 4.75 -4.23
N GLY A 57 -19.50 5.88 -3.56
CA GLY A 57 -20.64 6.59 -2.98
C GLY A 57 -21.53 7.24 -4.03
N VAL A 58 -20.96 7.64 -5.16
CA VAL A 58 -21.73 8.35 -6.16
C VAL A 58 -22.49 7.38 -7.08
N LEU A 59 -21.90 6.22 -7.34
CA LEU A 59 -22.49 5.27 -8.29
C LEU A 59 -22.72 3.89 -7.70
N ALA A 60 -21.69 3.30 -7.09
CA ALA A 60 -21.78 1.90 -6.64
C ALA A 60 -22.82 1.70 -5.53
N ILE A 61 -22.84 2.61 -4.56
CA ILE A 61 -23.78 2.52 -3.44
C ILE A 61 -25.21 2.79 -3.90
N PRO A 62 -25.44 3.82 -4.75
CA PRO A 62 -26.77 3.92 -5.36
C PRO A 62 -27.15 2.69 -6.20
N PHE A 63 -26.18 2.12 -6.91
CA PHE A 63 -26.46 0.89 -7.67
C PHE A 63 -26.86 -0.26 -6.75
N ALA A 64 -26.16 -0.40 -5.63
CA ALA A 64 -26.44 -1.50 -4.70
C ALA A 64 -27.83 -1.39 -4.09
N ILE A 65 -28.31 -0.17 -3.89
CA ILE A 65 -29.66 0.03 -3.40
C ILE A 65 -30.69 -0.37 -4.47
N THR A 66 -30.39 -0.05 -5.72
CA THR A 66 -31.32 -0.34 -6.80
C THR A 66 -31.44 -1.86 -7.04
N ILE A 67 -30.34 -2.59 -6.90
CA ILE A 67 -30.38 -4.04 -7.07
C ILE A 67 -31.20 -4.69 -5.98
N SER A 68 -31.18 -4.11 -4.77
CA SER A 68 -31.90 -4.69 -3.64
C SER A 68 -33.42 -4.72 -3.84
N THR A 69 -33.93 -3.85 -4.71
CA THR A 69 -35.36 -3.83 -4.98
C THR A 69 -35.82 -4.94 -5.92
N GLY A 70 -34.91 -5.46 -6.74
CA GLY A 70 -35.28 -6.46 -7.73
C GLY A 70 -36.13 -5.91 -8.86
N PHE A 71 -35.91 -4.65 -9.23
CA PHE A 71 -36.71 -3.99 -10.26
C PHE A 71 -36.55 -4.67 -11.60
N CYS A 72 -37.57 -4.53 -12.43
CA CYS A 72 -37.54 -5.10 -13.78
C CYS A 72 -36.57 -4.31 -14.66
N ALA A 73 -35.73 -5.03 -15.40
CA ALA A 73 -34.76 -4.41 -16.30
C ALA A 73 -34.24 -5.44 -17.27
N ALA A 74 -33.77 -4.97 -18.42
CA ALA A 74 -33.10 -5.83 -19.39
C ALA A 74 -31.86 -6.46 -18.74
N CYS A 75 -31.56 -7.70 -19.13
CA CYS A 75 -30.54 -8.47 -18.45
C CYS A 75 -29.17 -7.80 -18.51
N HIS A 76 -28.86 -7.15 -19.62
CA HIS A 76 -27.57 -6.47 -19.77
C HIS A 76 -27.53 -5.17 -18.99
N GLY A 77 -28.64 -4.45 -18.94
CA GLY A 77 -28.73 -3.25 -18.09
C GLY A 77 -28.52 -3.59 -16.62
N CYS A 78 -29.19 -4.66 -16.16
CA CYS A 78 -28.96 -5.17 -14.81
C CYS A 78 -27.53 -5.70 -14.66
N LEU A 79 -26.92 -6.16 -15.75
CA LEU A 79 -25.56 -6.70 -15.69
C LEU A 79 -24.53 -5.61 -15.48
N PHE A 80 -24.77 -4.42 -16.04
CA PHE A 80 -23.80 -3.33 -15.89
C PHE A 80 -23.80 -2.76 -14.48
N ILE A 81 -24.98 -2.53 -13.92
CA ILE A 81 -25.07 -1.94 -12.59
C ILE A 81 -24.54 -2.90 -11.53
N ALA A 82 -24.64 -4.21 -11.78
CA ALA A 82 -24.14 -5.20 -10.83
C ALA A 82 -22.62 -5.39 -10.94
N CYS A 83 -22.07 -5.21 -12.13
CA CYS A 83 -20.65 -5.41 -12.37
C CYS A 83 -19.79 -4.15 -12.23
N PHE A 84 -20.41 -2.98 -12.13
CA PHE A 84 -19.62 -1.76 -12.06
C PHE A 84 -18.79 -1.69 -10.79
N VAL A 85 -19.31 -2.23 -9.69
CA VAL A 85 -18.56 -2.25 -8.44
C VAL A 85 -17.30 -3.13 -8.56
N LEU A 86 -17.34 -4.10 -9.47
CA LEU A 86 -16.18 -4.95 -9.70
C LEU A 86 -15.07 -4.19 -10.41
N VAL A 87 -15.44 -3.17 -11.17
CA VAL A 87 -14.44 -2.32 -11.83
C VAL A 87 -13.69 -1.49 -10.78
N LEU A 88 -14.44 -0.89 -9.85
CA LEU A 88 -13.84 -0.06 -8.81
C LEU A 88 -12.99 -0.87 -7.84
N ALA A 89 -13.41 -2.09 -7.55
CA ALA A 89 -12.62 -2.97 -6.67
C ALA A 89 -11.29 -3.34 -7.33
N GLN A 90 -11.33 -3.64 -8.63
CA GLN A 90 -10.12 -3.98 -9.36
C GLN A 90 -9.21 -2.76 -9.53
N SER A 91 -9.80 -1.56 -9.61
CA SER A 91 -9.00 -0.35 -9.65
C SER A 91 -8.21 -0.15 -8.36
N SER A 92 -8.85 -0.45 -7.23
CA SER A 92 -8.19 -0.30 -5.93
C SER A 92 -7.07 -1.32 -5.72
N ILE A 93 -7.24 -2.53 -6.26
CA ILE A 93 -6.22 -3.55 -6.12
C ILE A 93 -4.96 -3.15 -6.90
N PHE A 94 -5.15 -2.63 -8.10
CA PHE A 94 -4.01 -2.17 -8.89
C PHE A 94 -3.30 -0.98 -8.24
N SER A 95 -4.09 -0.09 -7.62
CA SER A 95 -3.50 1.07 -6.95
C SER A 95 -2.70 0.65 -5.72
N LEU A 96 -3.27 -0.24 -4.91
CA LEU A 96 -2.57 -0.72 -3.71
C LEU A 96 -1.30 -1.50 -4.08
N LEU A 97 -1.37 -2.25 -5.18
CA LEU A 97 -0.20 -2.98 -5.65
C LEU A 97 0.90 -2.04 -6.14
N ALA A 98 0.51 -0.91 -6.72
CA ALA A 98 1.49 0.06 -7.21
C ALA A 98 2.20 0.77 -6.06
N ILE A 99 1.47 1.04 -4.97
CA ILE A 99 2.07 1.72 -3.84
C ILE A 99 3.13 0.82 -3.17
N ALA A 100 2.84 -0.48 -3.07
CA ALA A 100 3.78 -1.41 -2.47
C ALA A 100 5.07 -1.49 -3.30
N ILE A 101 4.94 -1.52 -4.62
CA ILE A 101 6.11 -1.54 -5.50
C ILE A 101 6.88 -0.22 -5.38
N ASP A 102 6.15 0.89 -5.28
CA ASP A 102 6.79 2.20 -5.17
C ASP A 102 7.64 2.30 -3.90
N ARG A 103 7.06 1.91 -2.77
CA ARG A 103 7.80 1.91 -1.51
C ARG A 103 8.89 0.86 -1.47
N TYR A 104 8.76 -0.19 -2.27
CA TYR A 104 9.83 -1.18 -2.37
C TYR A 104 11.02 -0.64 -3.17
N ILE A 105 10.75 0.12 -4.22
CA ILE A 105 11.81 0.70 -5.03
C ILE A 105 12.57 1.76 -4.22
N ALA A 106 11.85 2.55 -3.43
CA ALA A 106 12.47 3.64 -2.68
C ALA A 106 13.43 3.12 -1.62
N ILE A 107 13.18 1.93 -1.10
CA ILE A 107 14.01 1.37 -0.03
C ILE A 107 15.06 0.39 -0.54
N ALA A 108 14.87 -0.17 -1.74
CA ALA A 108 15.83 -1.11 -2.30
C ALA A 108 16.96 -0.38 -3.03
N ILE A 109 16.60 0.49 -3.97
CA ILE A 109 17.58 1.28 -4.71
C ILE A 109 17.27 2.76 -4.52
N PRO A 110 17.69 3.35 -3.39
CA PRO A 110 17.37 4.77 -3.16
C PRO A 110 18.04 5.72 -4.15
N LEU A 111 19.27 5.41 -4.56
CA LEU A 111 20.02 6.24 -5.49
C LEU A 111 19.65 6.01 -6.96
N ARG A 112 18.55 5.29 -7.20
CA ARG A 112 18.04 5.07 -8.55
C ARG A 112 16.55 5.36 -8.66
N TYR A 113 15.90 5.71 -7.55
CA TYR A 113 14.45 5.92 -7.53
C TYR A 113 14.04 7.10 -8.42
N ASN A 114 14.74 8.22 -8.27
CA ASN A 114 14.43 9.42 -9.06
C ASN A 114 14.71 9.24 -10.55
N GLY A 115 15.61 8.31 -10.88
CA GLY A 115 15.90 8.00 -12.28
C GLY A 115 14.95 6.95 -12.84
N LEU A 116 14.28 6.22 -11.95
CA LEU A 116 13.41 5.13 -12.36
C LEU A 116 11.96 5.58 -12.56
N VAL A 117 11.39 6.23 -11.54
CA VAL A 117 10.00 6.65 -11.56
C VAL A 117 9.91 8.17 -11.69
N THR A 118 8.92 8.63 -12.45
CA THR A 118 8.67 10.05 -12.65
C THR A 118 7.17 10.31 -12.61
N GLY A 119 6.79 11.56 -12.79
CA GLY A 119 5.38 11.94 -12.81
C GLY A 119 4.63 11.44 -14.04
N THR A 120 5.23 11.64 -15.21
CA THR A 120 4.57 11.26 -16.46
C THR A 120 4.48 9.75 -16.63
N ARG A 121 5.49 9.03 -16.15
CA ARG A 121 5.45 7.57 -16.19
C ARG A 121 4.41 7.00 -15.23
N ALA A 122 4.22 7.65 -14.08
CA ALA A 122 3.20 7.19 -13.13
C ALA A 122 1.79 7.47 -13.66
N ALA A 123 1.60 8.65 -14.28
CA ALA A 123 0.29 9.01 -14.82
C ALA A 123 -0.17 8.03 -15.89
N GLY A 124 0.76 7.48 -16.65
CA GLY A 124 0.43 6.47 -17.65
C GLY A 124 0.00 5.15 -17.03
N ILE A 125 0.67 4.77 -15.94
CA ILE A 125 0.35 3.52 -15.25
C ILE A 125 -1.08 3.58 -14.70
N ILE A 126 -1.48 4.73 -14.16
CA ILE A 126 -2.84 4.90 -13.66
C ILE A 126 -3.86 4.65 -14.77
N ALA A 127 -3.57 5.17 -15.96
CA ALA A 127 -4.49 4.99 -17.09
C ALA A 127 -4.58 3.51 -17.50
N ILE A 128 -3.44 2.82 -17.52
CA ILE A 128 -3.42 1.42 -17.91
C ILE A 128 -4.22 0.58 -16.92
N CYS A 129 -4.04 0.84 -15.63
CA CYS A 129 -4.76 0.08 -14.61
C CYS A 129 -6.27 0.32 -14.69
N TRP A 130 -6.66 1.57 -14.92
CA TRP A 130 -8.09 1.88 -14.99
C TRP A 130 -8.74 1.23 -16.21
N VAL A 131 -8.03 1.20 -17.34
CA VAL A 131 -8.54 0.54 -18.54
C VAL A 131 -8.67 -0.98 -18.29
N LEU A 132 -7.66 -1.56 -17.66
CA LEU A 132 -7.73 -2.98 -17.30
C LEU A 132 -8.80 -3.24 -16.25
N SER A 133 -9.06 -2.27 -15.37
CA SER A 133 -10.09 -2.45 -14.35
C SER A 133 -11.48 -2.52 -14.97
N PHE A 134 -11.72 -1.73 -16.02
CA PHE A 134 -12.98 -1.84 -16.75
C PHE A 134 -13.08 -3.18 -17.47
N ALA A 135 -11.97 -3.63 -18.06
CA ALA A 135 -11.98 -4.88 -18.83
C ALA A 135 -12.27 -6.08 -17.92
N ILE A 136 -11.58 -6.15 -16.79
CA ILE A 136 -11.79 -7.27 -15.86
C ILE A 136 -13.17 -7.18 -15.23
N GLY A 137 -13.55 -6.00 -14.74
CA GLY A 137 -14.81 -5.84 -14.05
C GLY A 137 -16.04 -6.03 -14.93
N LEU A 138 -15.87 -5.89 -16.24
CA LEU A 138 -16.98 -6.01 -17.17
C LEU A 138 -16.86 -7.22 -18.08
N THR A 139 -16.05 -8.20 -17.69
CA THR A 139 -15.95 -9.45 -18.45
C THR A 139 -17.30 -10.17 -18.64
N PRO A 140 -18.17 -10.23 -17.60
CA PRO A 140 -19.48 -10.85 -17.85
C PRO A 140 -20.33 -10.16 -18.92
N MET A 141 -20.06 -8.89 -19.18
CA MET A 141 -20.77 -8.17 -20.24
C MET A 141 -20.48 -8.75 -21.62
N LEU A 142 -19.28 -9.33 -21.78
CA LEU A 142 -18.85 -9.85 -23.08
C LEU A 142 -19.47 -11.20 -23.43
N GLY A 143 -20.30 -11.76 -22.55
CA GLY A 143 -20.98 -13.00 -22.88
C GLY A 143 -20.94 -14.05 -21.79
N TRP A 144 -20.17 -13.80 -20.73
CA TRP A 144 -20.06 -14.73 -19.62
C TRP A 144 -21.09 -14.36 -18.54
N ASN A 145 -22.36 -14.49 -18.89
CA ASN A 145 -23.46 -14.11 -18.03
C ASN A 145 -24.53 -15.18 -18.05
N ASN A 146 -25.54 -14.99 -17.20
CA ASN A 146 -26.68 -15.88 -17.10
C ASN A 146 -27.91 -15.33 -17.81
N CYS A 147 -27.72 -14.46 -18.80
CA CYS A 147 -28.86 -13.92 -19.54
C CYS A 147 -29.53 -14.98 -20.43
N GLY A 148 -28.75 -15.95 -20.89
CA GLY A 148 -29.26 -17.05 -21.71
C GLY A 148 -30.24 -17.95 -20.97
N GLN A 149 -30.17 -17.97 -19.65
CA GLN A 149 -31.01 -18.84 -18.82
C GLN A 149 -31.70 -18.00 -17.75
N PRO A 150 -32.61 -17.10 -18.15
CA PRO A 150 -33.22 -16.21 -17.17
C PRO A 150 -34.26 -16.91 -16.29
N LYS A 151 -34.44 -16.38 -15.08
CA LYS A 151 -35.46 -16.86 -14.17
C LYS A 151 -36.80 -16.26 -14.59
N GLU A 152 -37.61 -17.05 -15.30
CA GLU A 152 -38.87 -16.55 -15.84
C GLU A 152 -39.97 -16.46 -14.78
N GLY A 153 -40.00 -17.44 -13.87
CA GLY A 153 -40.98 -17.45 -12.79
C GLY A 153 -40.86 -16.23 -11.89
N LYS A 154 -39.62 -15.85 -11.62
CA LYS A 154 -39.36 -14.64 -10.82
C LYS A 154 -39.70 -13.37 -11.60
N ALA A 155 -39.57 -13.44 -12.92
CA ALA A 155 -39.86 -12.27 -13.77
C ALA A 155 -41.36 -11.99 -13.83
N HIS A 156 -42.14 -13.01 -14.16
CA HIS A 156 -43.60 -12.85 -14.23
C HIS A 156 -44.22 -12.57 -12.87
N SER A 157 -43.54 -12.95 -11.79
CA SER A 157 -44.04 -12.67 -10.45
C SER A 157 -44.16 -11.17 -10.22
N GLN A 158 -43.15 -10.42 -10.67
CA GLN A 158 -43.15 -8.96 -10.58
C GLN A 158 -43.62 -8.30 -11.87
N GLY A 159 -44.07 -9.09 -12.84
CA GLY A 159 -44.65 -8.56 -14.07
C GLY A 159 -43.68 -7.80 -14.95
N CYS A 160 -42.48 -8.32 -15.11
CA CYS A 160 -41.52 -7.73 -16.05
C CYS A 160 -41.91 -8.04 -17.48
N GLY A 161 -41.62 -7.09 -18.37
CA GLY A 161 -41.90 -7.26 -19.78
C GLY A 161 -41.01 -8.31 -20.42
N GLU A 162 -41.26 -8.57 -21.70
CA GLU A 162 -40.42 -9.50 -22.46
C GLU A 162 -39.00 -8.96 -22.57
N GLY A 163 -38.03 -9.83 -22.28
CA GLY A 163 -36.63 -9.43 -22.26
C GLY A 163 -36.16 -8.85 -20.94
N GLN A 164 -37.08 -8.49 -20.06
CA GLN A 164 -36.73 -7.97 -18.73
C GLN A 164 -36.68 -9.08 -17.70
N VAL A 165 -35.79 -8.92 -16.73
CA VAL A 165 -35.61 -9.91 -15.67
C VAL A 165 -35.61 -9.21 -14.32
N ALA A 166 -35.95 -9.96 -13.28
CA ALA A 166 -35.85 -9.48 -11.91
C ALA A 166 -34.38 -9.28 -11.57
N CYS A 167 -33.96 -8.02 -11.42
CA CYS A 167 -32.55 -7.69 -11.27
C CYS A 167 -32.02 -8.11 -9.91
N LEU A 168 -31.17 -9.12 -9.90
CA LEU A 168 -30.48 -9.59 -8.70
C LEU A 168 -29.08 -10.02 -9.06
N PHE A 169 -28.13 -9.77 -8.16
CA PHE A 169 -26.72 -10.03 -8.44
C PHE A 169 -26.47 -11.49 -8.78
N GLU A 170 -26.84 -12.39 -7.87
CA GLU A 170 -26.63 -13.82 -8.08
C GLU A 170 -27.40 -14.37 -9.28
N ASP A 171 -28.39 -13.62 -9.77
CA ASP A 171 -29.19 -14.10 -10.90
C ASP A 171 -28.52 -13.87 -12.26
N VAL A 172 -27.70 -12.84 -12.36
CA VAL A 172 -27.12 -12.47 -13.66
C VAL A 172 -25.61 -12.73 -13.73
N VAL A 173 -24.90 -12.65 -12.60
CA VAL A 173 -23.46 -12.86 -12.57
C VAL A 173 -23.19 -14.33 -12.22
N PRO A 174 -22.45 -15.06 -13.07
CA PRO A 174 -22.15 -16.45 -12.74
C PRO A 174 -21.18 -16.56 -11.57
N MET A 175 -21.41 -17.52 -10.69
CA MET A 175 -20.59 -17.67 -9.49
C MET A 175 -19.18 -18.16 -9.79
N ASN A 176 -19.01 -18.89 -10.89
CA ASN A 176 -17.67 -19.36 -11.27
C ASN A 176 -16.77 -18.19 -11.63
N TYR A 177 -17.32 -17.20 -12.32
CA TYR A 177 -16.59 -15.96 -12.58
C TYR A 177 -16.20 -15.29 -11.26
N MET A 178 -17.11 -15.29 -10.30
CA MET A 178 -16.87 -14.59 -9.05
C MET A 178 -15.90 -15.31 -8.12
N VAL A 179 -15.76 -16.63 -8.29
CA VAL A 179 -14.89 -17.41 -7.42
C VAL A 179 -13.53 -17.60 -8.08
N TYR A 180 -13.53 -18.20 -9.27
CA TYR A 180 -12.27 -18.50 -9.97
C TYR A 180 -11.65 -17.25 -10.58
N PHE A 181 -12.42 -16.56 -11.42
CA PHE A 181 -11.87 -15.43 -12.17
C PHE A 181 -11.66 -14.21 -11.28
N ASN A 182 -12.68 -13.81 -10.54
CA ASN A 182 -12.62 -12.58 -9.77
C ASN A 182 -11.85 -12.76 -8.47
N PHE A 183 -12.26 -13.73 -7.65
CA PHE A 183 -11.68 -13.88 -6.31
C PHE A 183 -10.27 -14.45 -6.36
N PHE A 184 -10.12 -15.64 -6.94
CA PHE A 184 -8.83 -16.32 -6.92
C PHE A 184 -7.78 -15.55 -7.72
N ALA A 185 -8.06 -15.34 -9.00
CA ALA A 185 -7.04 -14.79 -9.91
C ALA A 185 -6.85 -13.29 -9.70
N CYS A 186 -7.95 -12.55 -9.70
CA CYS A 186 -7.88 -11.08 -9.72
C CYS A 186 -7.76 -10.44 -8.35
N VAL A 187 -8.20 -11.13 -7.30
CA VAL A 187 -8.21 -10.56 -5.95
C VAL A 187 -7.19 -11.23 -5.03
N LEU A 188 -7.27 -12.55 -4.91
N LEU A 188 -7.27 -12.56 -4.91
CA LEU A 188 -6.41 -13.29 -3.99
CA LEU A 188 -6.39 -13.27 -3.99
C LEU A 188 -4.95 -13.26 -4.43
C LEU A 188 -4.94 -13.21 -4.44
N VAL A 189 -4.70 -13.45 -5.73
CA VAL A 189 -3.33 -13.49 -6.25
C VAL A 189 -2.58 -12.14 -6.06
N PRO A 190 -3.20 -11.00 -6.41
CA PRO A 190 -2.51 -9.74 -6.12
C PRO A 190 -2.37 -9.44 -4.64
N LEU A 191 -3.30 -9.91 -3.81
CA LEU A 191 -3.18 -9.68 -2.36
C LEU A 191 -2.03 -10.48 -1.78
N LEU A 192 -1.87 -11.73 -2.20
CA LEU A 192 -0.73 -12.53 -1.77
C LEU A 192 0.59 -11.93 -2.27
N LEU A 193 0.56 -11.28 -3.43
CA LEU A 193 1.75 -10.62 -3.96
C LEU A 193 2.16 -9.43 -3.11
N MET A 194 1.18 -8.67 -2.63
CA MET A 194 1.48 -7.54 -1.75
C MET A 194 2.11 -8.01 -0.45
N LEU A 195 1.64 -9.13 0.08
CA LEU A 195 2.21 -9.69 1.30
C LEU A 195 3.68 -10.03 1.10
N GLY A 196 4.02 -10.60 -0.05
CA GLY A 196 5.42 -10.90 -0.36
C GLY A 196 6.23 -9.63 -0.56
N VAL A 197 5.64 -8.62 -1.20
CA VAL A 197 6.34 -7.37 -1.43
C VAL A 197 6.65 -6.69 -0.10
N TYR A 198 5.65 -6.62 0.78
CA TYR A 198 5.87 -5.97 2.07
C TYR A 198 6.83 -6.76 2.95
N LEU A 199 6.87 -8.08 2.77
CA LEU A 199 7.84 -8.90 3.52
C LEU A 199 9.27 -8.59 3.12
N ARG A 200 9.50 -8.36 1.83
CA ARG A 200 10.83 -7.96 1.37
C ARG A 200 11.15 -6.52 1.77
N ILE A 201 10.12 -5.68 1.88
CA ILE A 201 10.34 -4.29 2.30
C ILE A 201 10.85 -4.24 3.75
N PHE A 202 10.16 -4.95 4.64
CA PHE A 202 10.58 -4.97 6.04
C PHE A 202 11.87 -5.75 6.26
N ALA A 203 12.16 -6.70 5.38
CA ALA A 203 13.41 -7.48 5.48
C ALA A 203 14.62 -6.63 5.07
N ALA A 204 14.54 -5.99 3.92
CA ALA A 204 15.65 -5.16 3.44
C ALA A 204 15.86 -3.90 4.29
N ALA A 205 14.81 -3.45 4.97
CA ALA A 205 14.93 -2.26 5.81
C ALA A 205 15.73 -2.54 7.08
N ARG A 206 15.42 -3.66 7.73
CA ARG A 206 16.10 -3.99 8.98
C ARG A 206 17.53 -4.49 8.75
N ARG A 207 17.78 -5.12 7.60
CA ARG A 207 19.13 -5.61 7.30
C ARG A 207 20.13 -4.47 7.12
N GLN A 208 19.68 -3.35 6.57
CA GLN A 208 20.55 -2.18 6.42
C GLN A 208 20.85 -1.52 7.76
N LEU A 209 19.91 -1.60 8.70
CA LEU A 209 20.09 -1.00 10.02
C LEU A 209 21.16 -1.74 10.82
N ALA A 210 21.34 -4.74 10.17
CA ALA A 210 22.47 -4.84 11.06
C ALA A 210 23.68 -4.10 10.49
N ASP A 211 23.59 -3.68 9.23
CA ASP A 211 24.72 -3.08 8.54
C ASP A 211 25.19 -1.79 9.20
N LEU A 212 24.24 -0.92 9.57
CA LEU A 212 24.60 0.35 10.17
C LEU A 212 25.29 0.17 11.52
N GLU A 213 24.76 -0.73 12.35
CA GLU A 213 25.38 -0.99 13.64
C GLU A 213 26.64 -1.84 13.54
N ASP A 214 26.80 -2.58 12.45
CA ASP A 214 28.01 -3.40 12.27
C ASP A 214 29.23 -2.54 11.96
N ASN A 215 29.08 -1.62 11.01
CA ASN A 215 30.17 -0.69 10.70
C ASN A 215 30.48 0.23 11.88
N TRP A 216 29.45 0.56 12.66
CA TRP A 216 29.65 1.37 13.87
C TRP A 216 30.43 0.58 14.93
N GLU A 217 30.24 -0.74 14.97
CA GLU A 217 31.02 -1.57 15.88
C GLU A 217 32.41 -1.86 15.32
N THR A 218 32.53 -2.01 14.00
CA THR A 218 33.84 -2.19 13.39
C THR A 218 34.72 -0.96 13.57
N LEU A 219 34.10 0.21 13.69
CA LEU A 219 34.83 1.44 13.90
C LEU A 219 35.23 1.63 15.37
N ASN A 220 34.42 1.12 16.28
CA ASN A 220 34.66 1.31 17.71
C ASN A 220 35.53 0.22 18.32
N ASP A 221 35.31 -1.03 17.94
CA ASP A 221 36.06 -2.14 18.52
C ASP A 221 37.54 -2.11 18.11
N ASN A 222 37.80 -1.78 16.86
CA ASN A 222 39.18 -1.73 16.37
C ASN A 222 39.95 -0.51 16.88
N LEU A 223 39.26 0.48 17.42
CA LEU A 223 39.96 1.57 18.12
C LEU A 223 40.60 1.08 19.40
N LYS A 224 39.90 0.20 20.12
CA LYS A 224 40.45 -0.40 21.32
C LYS A 224 41.56 -1.41 21.00
N VAL A 225 41.58 -1.95 19.79
CA VAL A 225 42.68 -2.80 19.36
C VAL A 225 43.97 -1.98 19.21
N ILE A 226 43.83 -0.74 18.76
CA ILE A 226 44.99 0.14 18.63
C ILE A 226 45.45 0.64 19.99
N GLU A 227 44.52 0.86 20.92
CA GLU A 227 44.85 1.42 22.23
C GLU A 227 45.69 0.48 23.10
N LYS A 228 45.62 -0.83 22.83
CA LYS A 228 46.34 -1.81 23.63
C LYS A 228 47.27 -2.68 22.80
N ALA A 229 47.55 -2.27 21.55
CA ALA A 229 48.40 -3.05 20.66
C ALA A 229 49.84 -3.11 21.16
N ASP A 230 50.57 -4.11 20.69
CA ASP A 230 51.98 -4.31 21.05
C ASP A 230 52.94 -3.92 19.93
N ASN A 231 52.67 -4.39 18.72
CA ASN A 231 53.56 -4.18 17.58
C ASN A 231 52.91 -3.28 16.53
N ALA A 232 53.70 -2.93 15.52
CA ALA A 232 53.22 -2.11 14.41
C ALA A 232 52.26 -2.85 13.50
N ALA A 233 52.38 -4.18 13.45
CA ALA A 233 51.51 -4.96 12.56
C ALA A 233 50.09 -5.07 13.11
N GLN A 234 49.95 -5.11 14.44
CA GLN A 234 48.62 -5.20 15.05
C GLN A 234 47.79 -3.94 14.79
N VAL A 235 48.45 -2.78 14.78
CA VAL A 235 47.77 -1.53 14.44
C VAL A 235 47.34 -1.56 12.98
N LYS A 236 48.10 -2.24 12.13
CA LYS A 236 47.75 -2.31 10.70
C LYS A 236 46.49 -3.15 10.48
N ASP A 237 46.36 -4.25 11.19
CA ASP A 237 45.17 -5.09 11.04
C ASP A 237 43.91 -4.42 11.58
N ALA A 238 44.07 -3.53 12.55
CA ALA A 238 42.93 -2.79 13.09
C ALA A 238 42.56 -1.60 12.20
N LEU A 239 43.55 -0.93 11.62
CA LEU A 239 43.28 0.23 10.78
C LEU A 239 42.73 -0.17 9.41
N THR A 240 43.22 -1.27 8.85
CA THR A 240 42.74 -1.73 7.55
C THR A 240 41.27 -2.15 7.60
N LYS A 241 40.86 -2.75 8.73
CA LYS A 241 39.46 -3.12 8.90
C LYS A 241 38.58 -1.89 9.08
N MET A 242 39.11 -0.85 9.72
CA MET A 242 38.37 0.40 9.86
C MET A 242 38.29 1.17 8.54
N ARG A 243 39.35 1.08 7.73
CA ARG A 243 39.37 1.81 6.47
C ARG A 243 38.37 1.23 5.47
N ALA A 244 38.23 -0.09 5.46
CA ALA A 244 37.22 -0.74 4.63
C ALA A 244 35.80 -0.47 5.15
N ALA A 245 35.65 -0.41 6.48
CA ALA A 245 34.35 -0.11 7.08
C ALA A 245 33.97 1.35 6.88
N ALA A 246 34.96 2.25 6.84
CA ALA A 246 34.68 3.66 6.60
C ALA A 246 34.18 3.89 5.17
N LEU A 247 34.78 3.19 4.21
CA LEU A 247 34.34 3.29 2.82
C LEU A 247 33.02 2.57 2.59
N ASP A 248 32.69 1.60 3.44
CA ASP A 248 31.44 0.86 3.29
C ASP A 248 30.24 1.59 3.90
N ALA A 249 30.49 2.45 4.89
CA ALA A 249 29.41 3.14 5.58
C ALA A 249 28.83 4.29 4.77
N GLN A 250 29.65 4.90 3.91
CA GLN A 250 29.19 6.03 3.10
C GLN A 250 28.24 5.58 1.99
N LYS A 251 28.54 4.43 1.37
CA LYS A 251 27.70 3.89 0.30
C LYS A 251 26.46 3.22 0.87
N LYS A 268 27.71 17.47 1.04
CA LYS A 268 28.84 18.35 1.32
C LYS A 268 29.36 18.13 2.74
N ASP A 269 28.47 18.23 3.73
CA ASP A 269 28.81 17.88 5.10
C ASP A 269 29.09 16.37 5.22
N PHE A 270 28.38 15.57 4.43
CA PHE A 270 28.55 14.12 4.45
C PHE A 270 29.89 13.70 3.84
N ARG A 271 30.32 14.38 2.79
CA ARG A 271 31.56 14.02 2.12
C ARG A 271 32.78 14.48 2.90
N HIS A 272 32.73 15.69 3.46
CA HIS A 272 33.85 16.23 4.21
C HIS A 272 34.08 15.51 5.54
N GLY A 273 33.05 14.86 6.07
CA GLY A 273 33.19 14.07 7.29
C GLY A 273 34.14 12.89 7.11
N PHE A 274 33.93 12.15 6.03
CA PHE A 274 34.81 11.02 5.71
C PHE A 274 36.16 11.48 5.18
N ASP A 275 36.23 12.67 4.58
CA ASP A 275 37.50 13.21 4.10
C ASP A 275 38.52 13.37 5.22
N ILE A 276 38.05 13.69 6.42
CA ILE A 276 38.94 13.79 7.57
C ILE A 276 39.17 12.42 8.19
N LEU A 277 38.14 11.59 8.24
CA LEU A 277 38.23 10.29 8.90
C LEU A 277 39.14 9.33 8.12
N VAL A 278 38.83 9.13 6.84
CA VAL A 278 39.62 8.21 6.02
C VAL A 278 41.04 8.73 5.84
N GLY A 279 41.19 10.05 5.80
CA GLY A 279 42.53 10.65 5.70
C GLY A 279 43.35 10.41 6.94
N GLN A 280 42.74 10.57 8.12
CA GLN A 280 43.45 10.32 9.37
C GLN A 280 43.81 8.84 9.53
N ILE A 281 43.02 7.96 8.94
CA ILE A 281 43.37 6.53 8.94
C ILE A 281 44.64 6.31 8.12
N ASP A 282 44.74 6.97 6.97
CA ASP A 282 45.94 6.87 6.16
C ASP A 282 47.14 7.54 6.84
N ASP A 283 46.88 8.58 7.63
CA ASP A 283 47.97 9.23 8.37
C ASP A 283 48.58 8.27 9.39
N ALA A 284 47.74 7.44 10.02
CA ALA A 284 48.25 6.45 10.95
C ALA A 284 48.68 5.18 10.25
N LEU A 285 48.06 4.87 9.10
CA LEU A 285 48.40 3.66 8.36
C LEU A 285 49.83 3.70 7.81
N LYS A 286 50.22 4.86 7.29
CA LYS A 286 51.59 5.00 6.76
C LYS A 286 52.63 4.96 7.88
N LEU A 287 52.27 5.45 9.06
CA LEU A 287 53.17 5.36 10.21
C LEU A 287 53.30 3.94 10.73
N ALA A 288 52.31 3.09 10.45
CA ALA A 288 52.37 1.69 10.86
C ALA A 288 53.25 0.87 9.90
N ASN A 289 53.19 1.18 8.62
CA ASN A 289 54.01 0.47 7.63
C ASN A 289 55.50 0.80 7.78
N GLU A 290 55.80 1.99 8.31
CA GLU A 290 57.19 2.36 8.61
C GLU A 290 57.73 1.63 9.84
N GLY A 291 56.84 1.19 10.73
CA GLY A 291 57.24 0.52 11.96
C GLY A 291 57.08 1.36 13.21
N LYS A 292 56.83 2.66 13.07
CA LYS A 292 56.64 3.54 14.23
C LYS A 292 55.32 3.20 14.92
N VAL A 293 55.41 2.56 16.08
CA VAL A 293 54.24 2.05 16.76
C VAL A 293 53.51 3.16 17.52
N LYS A 294 54.25 3.92 18.32
CA LYS A 294 53.64 4.90 19.21
C LYS A 294 53.02 6.07 18.47
N GLU A 295 53.69 6.54 17.42
CA GLU A 295 53.16 7.65 16.62
C GLU A 295 51.91 7.25 15.84
N ALA A 296 51.79 5.96 15.51
CA ALA A 296 50.58 5.44 14.88
C ALA A 296 49.42 5.36 15.86
N GLN A 297 49.71 4.97 17.10
CA GLN A 297 48.68 4.91 18.14
C GLN A 297 48.14 6.30 18.47
N ALA A 298 49.00 7.32 18.36
CA ALA A 298 48.57 8.69 18.62
C ALA A 298 47.76 9.26 17.46
N ALA A 299 48.16 8.95 16.23
CA ALA A 299 47.44 9.43 15.06
C ALA A 299 46.04 8.81 14.95
N ALA A 300 45.89 7.59 15.45
CA ALA A 300 44.58 6.93 15.49
C ALA A 300 43.66 7.53 16.56
N GLU A 301 44.23 8.13 17.60
CA GLU A 301 43.42 8.77 18.63
C GLU A 301 42.69 10.01 18.14
N GLN A 302 43.21 10.65 17.09
CA GLN A 302 42.54 11.79 16.48
C GLN A 302 41.21 11.41 15.84
N LEU A 303 41.04 10.12 15.53
CA LEU A 303 39.82 9.64 14.91
C LEU A 303 38.59 9.75 15.83
N LYS A 304 38.82 9.77 17.15
CA LYS A 304 37.70 9.83 18.09
C LYS A 304 36.96 11.15 18.04
N THR A 305 37.70 12.26 17.97
CA THR A 305 37.08 13.57 17.89
C THR A 305 36.39 13.79 16.54
N THR A 306 36.95 13.22 15.48
CA THR A 306 36.29 13.24 14.18
C THR A 306 35.03 12.37 14.20
N ARG A 307 35.04 11.32 15.00
CA ARG A 307 33.88 10.44 15.10
C ARG A 307 32.70 11.13 15.81
N ASN A 308 33.00 11.89 16.87
CA ASN A 308 31.97 12.55 17.65
C ASN A 308 31.42 13.82 17.00
N ALA A 309 32.00 14.24 15.87
CA ALA A 309 31.60 15.48 15.21
C ALA A 309 31.02 15.30 13.81
N TYR A 310 31.24 14.13 13.19
CA TYR A 310 30.78 13.91 11.82
C TYR A 310 30.14 12.54 11.64
N ILE A 311 30.80 11.51 12.16
CA ILE A 311 30.36 10.14 11.92
C ILE A 311 29.06 9.83 12.66
N GLN A 312 29.00 10.18 13.94
CA GLN A 312 27.79 9.94 14.72
C GLN A 312 26.61 10.79 14.24
N LYS A 313 26.88 11.85 13.49
CA LYS A 313 25.81 12.60 12.85
C LYS A 313 25.17 11.79 11.72
N TYR A 314 25.99 11.06 10.97
CA TYR A 314 25.51 10.29 9.82
C TYR A 314 24.99 8.90 10.19
N LEU A 315 25.40 8.37 11.34
CA LEU A 315 25.05 7.01 11.76
C LEU A 315 23.53 6.78 11.76
N GLU A 316 23.34 9.76 12.98
CA GLU A 316 22.02 9.25 13.30
C GLU A 316 21.00 9.73 12.27
N ARG A 317 21.48 10.38 11.22
CA ARG A 317 20.59 10.79 10.13
C ARG A 317 20.14 9.59 9.30
N ALA A 318 21.00 8.59 9.15
CA ALA A 318 20.63 7.39 8.42
C ALA A 318 19.56 6.58 9.15
N ARG A 319 19.68 6.48 10.47
CA ARG A 319 18.67 5.80 11.27
C ARG A 319 17.33 6.54 11.22
N SER A 320 17.39 7.87 11.15
CA SER A 320 16.15 8.65 11.09
C SER A 320 15.43 8.46 9.76
N THR A 321 16.18 8.48 8.66
CA THR A 321 15.57 8.37 7.34
C THR A 321 15.02 6.96 7.09
N LEU A 322 15.72 5.95 7.58
CA LEU A 322 15.22 4.59 7.43
C LEU A 322 13.98 4.34 8.27
N GLN A 323 13.90 4.95 9.45
CA GLN A 323 12.72 4.80 10.30
C GLN A 323 11.49 5.49 9.71
N LYS A 324 11.69 6.62 9.04
CA LYS A 324 10.57 7.33 8.42
C LYS A 324 10.06 6.59 7.18
N GLU A 325 10.94 5.86 6.50
CA GLU A 325 10.50 5.03 5.37
C GLU A 325 9.78 3.77 5.85
N VAL A 326 10.14 3.26 7.02
CA VAL A 326 9.43 2.12 7.60
C VAL A 326 8.05 2.54 8.11
N HIS A 327 7.97 3.76 8.67
CA HIS A 327 6.68 4.29 9.10
C HIS A 327 5.74 4.48 7.92
N ALA A 328 6.28 4.89 6.78
CA ALA A 328 5.47 5.05 5.57
C ALA A 328 5.02 3.70 5.01
N ALA A 329 5.90 2.70 5.08
CA ALA A 329 5.54 1.37 4.60
C ALA A 329 4.52 0.70 5.52
N LYS A 330 4.65 0.92 6.83
CA LYS A 330 3.66 0.40 7.77
C LYS A 330 2.29 1.02 7.51
N SER A 331 2.25 2.32 7.24
CA SER A 331 0.99 3.00 6.97
C SER A 331 0.35 2.49 5.69
N ALA A 332 1.17 2.24 4.66
CA ALA A 332 0.64 1.72 3.40
C ALA A 332 0.19 0.27 3.54
N ALA A 333 0.88 -0.50 4.37
CA ALA A 333 0.48 -1.90 4.58
C ALA A 333 -0.86 -2.00 5.31
N ILE A 334 -1.19 -1.01 6.14
CA ILE A 334 -2.47 -1.02 6.83
C ILE A 334 -3.61 -0.83 5.84
N ILE A 335 -3.40 0.01 4.82
CA ILE A 335 -4.43 0.24 3.81
C ILE A 335 -4.77 -1.05 3.05
N ALA A 336 -3.74 -1.84 2.74
CA ALA A 336 -3.96 -3.13 2.08
C ALA A 336 -4.61 -4.13 3.04
N GLY A 337 -4.24 -4.07 4.31
CA GLY A 337 -4.83 -4.97 5.31
C GLY A 337 -6.30 -4.68 5.56
N LEU A 338 -6.66 -3.40 5.60
CA LEU A 338 -8.06 -3.03 5.76
C LEU A 338 -8.89 -3.36 4.52
N PHE A 339 -8.26 -3.34 3.34
CA PHE A 339 -8.94 -3.75 2.13
C PHE A 339 -9.26 -5.24 2.15
N ALA A 340 -8.33 -6.05 2.64
CA ALA A 340 -8.55 -7.49 2.69
C ALA A 340 -9.60 -7.86 3.73
N LEU A 341 -9.57 -7.20 4.88
N LEU A 341 -9.57 -7.20 4.88
CA LEU A 341 -10.52 -7.50 5.95
CA LEU A 341 -10.53 -7.51 5.95
C LEU A 341 -11.95 -7.12 5.56
C LEU A 341 -11.95 -7.09 5.59
N CYS A 342 -12.09 -6.02 4.82
CA CYS A 342 -13.42 -5.53 4.47
C CYS A 342 -14.11 -6.39 3.40
N TRP A 343 -13.33 -6.91 2.46
CA TRP A 343 -13.91 -7.59 1.30
C TRP A 343 -14.03 -9.11 1.44
N LEU A 344 -13.14 -9.72 2.19
CA LEU A 344 -13.10 -11.18 2.29
C LEU A 344 -14.40 -11.86 2.76
N PRO A 345 -15.13 -11.27 3.74
CA PRO A 345 -16.41 -11.91 4.11
C PRO A 345 -17.38 -12.00 2.93
N LEU A 346 -17.49 -10.94 2.13
CA LEU A 346 -18.36 -10.98 0.96
C LEU A 346 -17.89 -11.99 -0.09
N HIS A 347 -16.59 -12.24 -0.13
CA HIS A 347 -16.04 -13.21 -1.07
C HIS A 347 -16.23 -14.64 -0.58
N ILE A 348 -16.09 -14.86 0.71
CA ILE A 348 -16.21 -16.21 1.27
C ILE A 348 -17.66 -16.69 1.21
N ILE A 349 -18.60 -15.77 1.33
CA ILE A 349 -20.01 -16.12 1.12
C ILE A 349 -20.24 -16.61 -0.31
N ASN A 350 -19.55 -15.97 -1.26
CA ASN A 350 -19.59 -16.44 -2.65
C ASN A 350 -18.96 -17.83 -2.79
N CYS A 351 -17.92 -18.10 -2.01
CA CYS A 351 -17.32 -19.44 -2.02
C CYS A 351 -18.27 -20.49 -1.44
N PHE A 352 -19.06 -20.13 -0.44
CA PHE A 352 -19.99 -21.07 0.15
C PHE A 352 -21.19 -21.32 -0.76
N THR A 353 -21.68 -20.26 -1.40
CA THR A 353 -22.80 -20.40 -2.33
C THR A 353 -22.42 -21.28 -3.52
N PHE A 354 -21.16 -21.17 -3.96
CA PHE A 354 -20.70 -21.87 -5.15
C PHE A 354 -20.25 -23.30 -4.87
N PHE A 355 -19.42 -23.48 -3.84
CA PHE A 355 -18.82 -24.79 -3.60
C PHE A 355 -19.76 -25.75 -2.88
N CYS A 356 -20.54 -25.23 -1.94
CA CYS A 356 -21.41 -26.07 -1.12
C CYS A 356 -22.87 -25.90 -1.55
N PRO A 357 -23.41 -26.84 -2.36
CA PRO A 357 -24.84 -26.75 -2.69
C PRO A 357 -25.75 -27.31 -1.58
N ASP A 358 -25.22 -28.19 -0.75
CA ASP A 358 -25.96 -28.73 0.38
C ASP A 358 -26.18 -27.71 1.48
N CYS A 359 -25.30 -26.71 1.56
CA CYS A 359 -25.43 -25.65 2.56
C CYS A 359 -26.63 -24.76 2.21
N SER A 360 -27.35 -24.33 3.24
CA SER A 360 -28.39 -23.33 3.05
C SER A 360 -27.75 -21.98 2.77
N HIS A 361 -28.34 -21.25 1.82
CA HIS A 361 -27.79 -19.96 1.40
C HIS A 361 -27.72 -19.00 2.58
N ALA A 362 -26.71 -18.13 2.55
CA ALA A 362 -26.53 -17.16 3.62
C ALA A 362 -27.77 -16.27 3.75
N PRO A 363 -28.25 -16.03 4.99
CA PRO A 363 -29.47 -15.25 5.17
C PRO A 363 -29.33 -13.80 4.69
N LEU A 364 -30.46 -13.14 4.52
CA LEU A 364 -30.49 -11.80 3.96
C LEU A 364 -29.85 -10.75 4.87
N TRP A 365 -29.98 -10.92 6.19
CA TRP A 365 -29.37 -9.98 7.12
C TRP A 365 -27.85 -10.04 7.07
N LEU A 366 -27.30 -11.23 6.82
CA LEU A 366 -25.85 -11.38 6.70
C LEU A 366 -25.35 -10.79 5.39
N MET A 367 -26.11 -10.99 4.31
CA MET A 367 -25.76 -10.41 3.02
C MET A 367 -25.74 -8.89 3.09
N TYR A 368 -26.73 -8.30 3.78
CA TYR A 368 -26.72 -6.87 4.00
C TYR A 368 -25.50 -6.43 4.80
N LEU A 369 -25.14 -7.20 5.82
CA LEU A 369 -24.00 -6.86 6.66
C LEU A 369 -22.68 -6.96 5.89
N ALA A 370 -22.58 -7.92 4.98
CA ALA A 370 -21.35 -8.09 4.19
C ALA A 370 -21.18 -6.97 3.17
N ILE A 371 -22.28 -6.54 2.55
CA ILE A 371 -22.22 -5.50 1.53
C ILE A 371 -21.75 -4.18 2.14
N VAL A 372 -22.36 -3.79 3.25
CA VAL A 372 -21.99 -2.54 3.91
C VAL A 372 -20.56 -2.61 4.46
N LEU A 373 -20.12 -3.79 4.86
CA LEU A 373 -18.75 -3.95 5.32
C LEU A 373 -17.75 -3.76 4.18
N ALA A 374 -18.12 -4.23 2.99
CA ALA A 374 -17.27 -3.99 1.81
C ALA A 374 -17.25 -2.52 1.43
N HIS A 375 -18.37 -1.83 1.63
CA HIS A 375 -18.46 -0.41 1.29
C HIS A 375 -17.73 0.47 2.30
N THR A 376 -17.58 0.00 3.54
CA THR A 376 -16.93 0.80 4.58
C THR A 376 -15.47 1.10 4.26
N ASN A 377 -14.84 0.28 3.42
CA ASN A 377 -13.45 0.50 3.04
C ASN A 377 -13.24 1.87 2.39
N SER A 378 -14.29 2.43 1.79
CA SER A 378 -14.17 3.76 1.18
C SER A 378 -13.99 4.86 2.23
N VAL A 379 -14.53 4.65 3.43
CA VAL A 379 -14.45 5.66 4.47
C VAL A 379 -13.15 5.53 5.30
N VAL A 380 -12.64 4.32 5.44
CA VAL A 380 -11.54 4.06 6.37
C VAL A 380 -10.20 4.63 5.90
N ASN A 381 -10.06 4.93 4.62
CA ASN A 381 -8.77 5.37 4.10
C ASN A 381 -8.34 6.77 4.60
N PRO A 382 -9.21 7.80 4.48
CA PRO A 382 -8.77 9.13 4.94
C PRO A 382 -8.46 9.22 6.44
N PHE A 383 -9.03 8.34 7.24
CA PHE A 383 -8.73 8.34 8.67
C PHE A 383 -7.32 7.82 8.96
N ILE A 384 -6.81 6.95 8.09
CA ILE A 384 -5.48 6.39 8.28
C ILE A 384 -4.39 7.40 7.92
N TYR A 385 -4.59 8.15 6.84
CA TYR A 385 -3.61 9.15 6.43
C TYR A 385 -3.46 10.23 7.50
N ALA A 386 -4.56 10.63 8.11
CA ALA A 386 -4.52 11.65 9.15
C ALA A 386 -3.84 11.15 10.42
N TYR A 387 -4.13 9.91 10.81
CA TYR A 387 -3.57 9.35 12.03
C TYR A 387 -2.12 8.90 11.89
N ARG A 388 -1.65 8.67 10.66
CA ARG A 388 -0.32 8.10 10.44
C ARG A 388 0.64 9.02 9.69
N ILE A 389 0.14 9.84 8.77
CA ILE A 389 0.99 10.73 8.00
C ILE A 389 0.86 12.13 8.58
N ARG A 390 1.99 12.74 8.94
CA ARG A 390 1.97 14.06 9.56
C ARG A 390 1.64 15.16 8.55
N GLU A 391 2.19 15.03 7.34
CA GLU A 391 1.96 16.06 6.31
C GLU A 391 0.49 16.13 5.90
N PHE A 392 -0.17 14.97 5.81
CA PHE A 392 -1.59 14.94 5.51
C PHE A 392 -2.42 15.55 6.65
N ARG A 393 -2.05 15.23 7.89
CA ARG A 393 -2.81 15.70 9.05
C ARG A 393 -2.79 17.22 9.15
N GLN A 394 -1.62 17.82 8.92
CA GLN A 394 -1.50 19.27 8.98
C GLN A 394 -2.26 19.94 7.85
N THR A 395 -2.27 19.32 6.66
CA THR A 395 -2.97 19.90 5.52
C THR A 395 -4.49 19.85 5.70
N PHE A 396 -4.99 18.81 6.35
CA PHE A 396 -6.43 18.71 6.60
C PHE A 396 -6.92 19.84 7.51
N ARG A 397 -6.09 20.21 8.48
CA ARG A 397 -6.49 21.24 9.44
C ARG A 397 -6.74 22.59 8.75
N LYS A 398 -5.87 22.95 7.83
CA LYS A 398 -5.98 24.26 7.18
C LYS A 398 -7.11 24.32 6.17
N ILE A 399 -7.55 23.18 5.66
CA ILE A 399 -8.73 23.16 4.80
C ILE A 399 -10.01 23.26 5.65
N ILE A 400 -9.99 22.63 6.83
CA ILE A 400 -11.14 22.68 7.72
C ILE A 400 -11.31 24.07 8.33
N ARG A 401 -10.19 24.70 8.69
CA ARG A 401 -10.23 26.01 9.34
C ARG A 401 -10.76 27.10 8.40
N SER A 402 -10.24 27.13 7.18
CA SER A 402 -10.69 28.12 6.20
C SER A 402 -11.96 27.66 5.51
C10 9Y2 B . -25.42 -8.45 -3.72
C13 9Y2 B . -23.34 -7.46 -4.41
C15 9Y2 B . -25.36 -6.18 -4.54
C17 9Y2 B . -21.79 -7.56 -4.61
C20 9Y2 B . -19.67 -8.99 -4.55
C22 9Y2 B . -17.45 -9.95 -4.49
C01 9Y2 B . -29.77 -7.95 -1.66
C02 9Y2 B . -30.42 -8.66 -2.89
C03 9Y2 B . -30.00 -10.17 -2.89
C04 9Y2 B . -32.00 -8.55 -2.76
C05 9Y2 B . -30.00 -7.96 -4.20
C06 9Y2 B . -28.48 -8.12 -4.46
C09 9Y2 B . -26.07 -7.26 -4.04
C12 9Y2 B . -24.04 -8.55 -3.92
C14 9Y2 B . -23.98 -6.28 -4.72
C23 9Y2 B . -17.27 -8.63 -5.01
F11 9Y2 B . -26.11 -9.52 -3.24
F16 9Y2 B . -25.99 -5.03 -4.84
N08 9Y2 B . -27.53 -7.14 -3.84
N19 9Y2 B . -21.11 -8.82 -4.42
N21 9Y2 B . -18.97 -10.17 -4.22
O07 9Y2 B . -28.08 -9.01 -5.12
O18 9Y2 B . -21.18 -6.55 -4.89
S24 9Y2 B . -18.62 -7.98 -5.06
C1 CLR C . -32.14 1.11 -16.75
C2 CLR C . -33.13 -0.03 -16.92
C3 CLR C . -33.13 -0.67 -18.30
C4 CLR C . -31.73 -1.04 -18.80
C5 CLR C . -30.69 0.11 -18.41
C6 CLR C . -29.70 0.34 -19.23
C7 CLR C . -28.94 1.66 -19.11
C8 CLR C . -28.48 1.68 -17.73
C9 CLR C . -29.73 2.04 -17.06
C10 CLR C . -30.69 0.77 -17.08
C11 CLR C . -29.33 2.40 -15.70
C12 CLR C . -28.85 3.84 -15.66
C13 CLR C . -27.60 3.58 -16.32
C14 CLR C . -27.93 3.02 -17.69
C15 CLR C . -26.59 3.12 -18.27
C16 CLR C . -26.22 4.53 -17.81
C17 CLR C . -27.06 4.91 -16.58
C18 CLR C . -26.66 2.72 -15.45
C19 CLR C . -30.04 -0.30 -16.20
C20 CLR C . -26.37 5.50 -15.31
C21 CLR C . -27.19 6.47 -14.47
C22 CLR C . -25.06 6.13 -15.73
C23 CLR C . -25.20 7.63 -16.10
C24 CLR C . -23.97 8.51 -15.81
C25 CLR C . -23.81 8.93 -14.36
C26 CLR C . -22.33 9.18 -14.05
C27 CLR C . -24.56 10.22 -14.03
O1 CLR C . -34.06 -1.77 -18.17
C1 CLR D . -15.31 -25.67 0.76
C2 CLR D . -16.57 -26.57 0.64
C3 CLR D . -17.05 -27.05 2.00
C4 CLR D . -17.19 -25.90 2.99
C5 CLR D . -15.98 -24.86 2.89
C6 CLR D . -15.59 -24.29 3.99
C7 CLR D . -14.25 -23.56 4.04
C8 CLR D . -14.30 -22.64 2.92
C9 CLR D . -14.05 -23.58 1.82
C10 CLR D . -15.42 -24.39 1.61
C11 CLR D . -13.78 -22.76 0.66
C12 CLR D . -12.42 -22.19 0.66
C13 CLR D . -12.61 -21.29 1.74
C14 CLR D . -12.99 -22.10 2.96
C15 CLR D . -12.80 -21.04 3.94
C16 CLR D . -11.42 -20.57 3.51
C17 CLR D . -11.22 -20.91 2.02
C18 CLR D . -13.51 -20.11 1.26
C19 CLR D . -16.51 -23.39 1.21
C20 CLR D . -10.75 -19.91 0.92
C21 CLR D . -9.65 -20.45 0.00
C22 CLR D . -10.34 -18.59 1.52
C23 CLR D . -8.85 -18.53 1.92
C24 CLR D . -8.31 -17.12 2.22
C25 CLR D . -6.90 -16.81 1.69
C26 CLR D . -6.30 -15.64 2.48
C27 CLR D . -5.92 -17.98 1.70
O1 CLR D . -18.29 -27.73 1.69
C1 CLR E . -22.08 -20.33 4.89
C2 CLR E . -23.38 -21.03 4.51
C3 CLR E . -24.08 -21.75 5.64
C4 CLR E . -24.22 -20.84 6.88
C5 CLR E . -22.78 -20.19 7.14
C6 CLR E . -22.13 -20.48 8.24
C7 CLR E . -20.71 -19.98 8.43
C8 CLR E . -20.81 -18.61 7.94
C9 CLR E . -20.66 -18.92 6.51
C10 CLR E . -22.10 -19.38 6.09
C11 CLR E . -20.28 -17.67 5.86
C12 CLR E . -18.94 -17.18 6.11
C13 CLR E . -19.05 -16.89 7.51
C14 CLR E . -19.48 -18.17 8.18
C15 CLR E . -19.29 -17.76 9.55
C16 CLR E . -17.93 -17.13 9.35
C17 CLR E . -17.65 -16.77 7.90
C18 CLR E . -19.85 -15.56 7.73
C19 CLR E . -22.95 -18.13 5.87
C20 CLR E . -17.05 -15.39 7.48
C21 CLR E . -16.26 -15.40 6.16
C22 CLR E . -16.23 -14.81 8.63
C23 CLR E . -15.17 -13.75 8.28
C24 CLR E . -13.71 -14.20 8.54
C25 CLR E . -12.58 -13.19 8.33
C26 CLR E . -11.65 -13.58 7.17
C27 CLR E . -13.03 -11.73 8.18
O1 CLR E . -25.31 -22.24 5.05
C1 OLA F . -38.04 1.25 -8.38
O1 OLA F . -38.89 0.55 -7.78
O2 OLA F . -38.00 1.32 -9.63
C2 OLA F . -37.06 2.06 -7.57
C3 OLA F . -35.65 1.99 -8.16
C4 OLA F . -34.85 3.20 -7.73
C5 OLA F . -34.36 3.02 -6.29
C6 OLA F . -33.68 4.28 -5.80
C7 OLA F . -32.52 4.62 -6.72
C8 OLA F . -31.69 5.74 -6.15
C9 OLA F . -31.26 5.36 -4.75
C10 OLA F . -30.72 6.27 -3.92
C11 OLA F . -30.48 7.72 -4.30
C12 OLA F . -29.10 8.17 -3.87
C13 OLA F . -29.07 9.68 -4.06
C14 OLA F . -27.62 10.16 -4.07
C15 OLA F . -27.20 10.55 -2.66
C16 OLA F . -25.91 9.84 -2.29
C17 OLA F . -24.72 10.81 -2.19
C18 OLA F . -24.33 11.44 -3.51
C1 OLA G . -33.02 -6.39 10.34
O1 OLA G . -32.13 -6.99 11.00
O2 OLA G . -33.91 -5.70 10.88
C2 OLA G . -33.01 -6.51 8.82
C3 OLA G . -31.60 -6.33 8.26
C4 OLA G . -31.09 -4.94 8.56
C5 OLA G . -29.83 -4.63 7.76
C6 OLA G . -28.58 -4.73 8.63
C7 OLA G . -27.40 -4.08 7.92
C8 OLA G . -26.37 -3.54 8.91
C9 OLA G . -26.96 -2.33 9.60
C10 OLA G . -26.25 -1.55 10.42
C11 OLA G . -24.80 -1.79 10.78
C12 OLA G . -24.05 -0.46 10.83
C13 OLA G . -22.64 -0.66 11.38
C14 OLA G . -21.62 -0.86 10.26
C15 OLA G . -20.96 -2.23 10.36
C16 OLA G . -19.50 -2.10 10.78
C1 OLA H . -32.49 -11.65 12.66
O1 OLA H . -33.11 -10.61 12.34
O2 OLA H . -32.97 -12.80 12.49
C2 OLA H . -31.11 -11.54 13.29
C3 OLA H . -30.46 -10.18 13.02
C4 OLA H . -29.17 -10.05 13.81
C5 OLA H . -28.86 -8.59 14.09
C6 OLA H . -27.72 -8.08 13.22
C1 OLA I . -0.69 -6.65 4.24
O1 OLA I . -1.34 -5.59 4.30
O2 OLA I . 0.22 -6.91 5.07
C2 OLA I . -0.99 -7.65 3.15
C3 OLA I . -2.50 -7.84 2.97
C4 OLA I . -2.82 -9.17 2.32
C5 OLA I . -3.25 -10.20 3.36
C6 OLA I . -4.39 -11.03 2.82
C7 OLA I . -3.94 -12.47 2.54
NA NA J . -12.18 0.94 -2.24
#